data_6B66
#
_entry.id   6B66
#
_cell.length_a   89.906
_cell.length_b   89.906
_cell.length_c   100.935
_cell.angle_alpha   90.00
_cell.angle_beta   90.00
_cell.angle_gamma   120.00
#
_symmetry.space_group_name_H-M   'P 32'
#
loop_
_entity.id
_entity.type
_entity.pdbx_description
1 polymer Fructose-1,6-bisphosphatase/inositol-1-monophosphatase
2 non-polymer 'GLUTAMIC ACID'
3 non-polymer GLYCEROL
4 non-polymer 'MAGNESIUM ION'
5 non-polymer 'SULFATE ION'
6 non-polymer 'TRIETHYLENE GLYCOL'
7 water water
#
_entity_poly.entity_id   1
_entity_poly.type   'polypeptide(L)'
_entity_poly.pdbx_seq_one_letter_code
;MDERDALRISREIAGEVRKAIASMPLRERVKDVGMGKDGTPTKAADRVAEDAALEILRKERVTVVTEESGVLGEGDVFVA
LDPLDGTFNATQGIPVYSVSLCFSYSDKLKDAFFGYVYNLATGDEYYADSSGAYRNGERIEVSDAEELYCNAIIYYPDRK
FPFERMRIFGSAATELCFFADGSFDCFLDIRPGKMLRIYDAAAGVFIAEKAGGKVTELDGESLGNKKFDMQERLNIVAAN
EKLHPKLLELIK
;
_entity_poly.pdbx_strand_id   A,B
#
loop_
_chem_comp.id
_chem_comp.type
_chem_comp.name
_chem_comp.formula
GOL non-polymer GLYCEROL 'C3 H8 O3'
MG non-polymer 'MAGNESIUM ION' 'Mg 2'
PGE non-polymer 'TRIETHYLENE GLYCOL' 'C6 H14 O4'
SO4 non-polymer 'SULFATE ION' 'O4 S -2'
#
# COMPACT_ATOMS: atom_id res chain seq x y z
N MET A 1 24.54 26.25 -3.32
CA MET A 1 23.86 25.17 -4.00
C MET A 1 22.56 25.66 -4.62
N ASP A 2 22.18 25.09 -5.76
CA ASP A 2 20.90 25.42 -6.41
C ASP A 2 20.04 24.17 -6.71
N GLU A 3 18.84 24.39 -7.26
CA GLU A 3 17.90 23.30 -7.51
C GLU A 3 18.40 22.26 -8.53
N ARG A 4 19.41 22.62 -9.31
CA ARG A 4 19.99 21.66 -10.24
C ARG A 4 20.95 20.76 -9.51
N ASP A 5 21.79 21.35 -8.68
CA ASP A 5 22.68 20.57 -7.85
C ASP A 5 21.87 19.55 -7.04
N ALA A 6 20.77 20.01 -6.46
CA ALA A 6 19.95 19.19 -5.59
C ALA A 6 19.28 18.05 -6.34
N LEU A 7 18.94 18.27 -7.61
CA LEU A 7 18.37 17.20 -8.40
C LEU A 7 19.46 16.16 -8.67
N ARG A 8 20.63 16.63 -9.05
CA ARG A 8 21.77 15.78 -9.38
C ARG A 8 22.15 14.92 -8.18
N ILE A 9 22.36 15.59 -7.05
CA ILE A 9 22.69 14.95 -5.80
C ILE A 9 21.63 13.93 -5.37
N SER A 10 20.35 14.31 -5.45
CA SER A 10 19.28 13.41 -5.04
C SER A 10 19.25 12.14 -5.89
N ARG A 11 19.49 12.31 -7.18
CA ARG A 11 19.50 11.16 -8.07
C ARG A 11 20.68 10.23 -7.82
N GLU A 12 21.84 10.79 -7.54
CA GLU A 12 22.99 9.97 -7.22
C GLU A 12 22.66 9.17 -5.96
N ILE A 13 22.13 9.84 -4.95
CA ILE A 13 21.72 9.19 -3.71
C ILE A 13 20.68 8.10 -3.94
N ALA A 14 19.65 8.41 -4.72
CA ALA A 14 18.60 7.43 -5.03
C ALA A 14 19.19 6.15 -5.62
N GLY A 15 20.11 6.33 -6.57
CA GLY A 15 20.81 5.23 -7.21
C GLY A 15 21.53 4.30 -6.23
N GLU A 16 22.32 4.88 -5.34
CA GLU A 16 23.10 4.08 -4.39
C GLU A 16 22.24 3.42 -3.33
N VAL A 17 21.26 4.16 -2.82
CA VAL A 17 20.35 3.60 -1.82
C VAL A 17 19.57 2.43 -2.39
N ARG A 18 19.04 2.60 -3.60
CA ARG A 18 18.30 1.52 -4.27
CA ARG A 18 18.31 1.54 -4.29
C ARG A 18 19.16 0.29 -4.43
N LYS A 19 20.40 0.47 -4.86
CA LYS A 19 21.31 -0.62 -5.06
C LYS A 19 21.50 -1.35 -3.74
N ALA A 20 21.87 -0.59 -2.70
CA ALA A 20 22.14 -1.14 -1.38
C ALA A 20 20.98 -1.96 -0.79
N ILE A 21 19.78 -1.41 -0.84
CA ILE A 21 18.62 -2.09 -0.29
C ILE A 21 18.28 -3.34 -1.10
N ALA A 22 18.37 -3.21 -2.43
CA ALA A 22 17.93 -4.29 -3.31
C ALA A 22 18.78 -5.54 -3.13
N SER A 23 20.03 -5.36 -2.69
CA SER A 23 20.93 -6.49 -2.52
C SER A 23 20.84 -7.09 -1.12
N MET A 24 20.12 -6.42 -0.21
CA MET A 24 19.97 -6.94 1.15
C MET A 24 18.71 -7.81 1.29
N PRO A 25 18.88 -9.10 1.65
CA PRO A 25 17.73 -10.00 1.79
C PRO A 25 16.81 -9.55 2.91
N LEU A 26 15.55 -9.96 2.83
CA LEU A 26 14.53 -9.51 3.77
C LEU A 26 14.90 -9.87 5.23
N ARG A 27 15.50 -11.05 5.42
CA ARG A 27 15.91 -11.50 6.75
C ARG A 27 17.03 -10.62 7.35
N GLU A 28 17.87 -10.04 6.50
CA GLU A 28 18.88 -9.09 6.99
C GLU A 28 18.28 -7.71 7.24
N ARG A 29 17.43 -7.25 6.32
CA ARG A 29 16.79 -5.93 6.40
C ARG A 29 16.13 -5.70 7.74
N VAL A 30 15.47 -6.74 8.23
CA VAL A 30 14.58 -6.63 9.37
C VAL A 30 15.34 -6.65 10.71
N LYS A 31 16.63 -6.94 10.70
CA LYS A 31 17.42 -6.98 11.93
C LYS A 31 17.56 -5.62 12.60
N ASP A 32 17.42 -5.59 13.92
CA ASP A 32 17.63 -4.38 14.71
C ASP A 32 19.11 -4.26 15.02
N VAL A 33 19.79 -3.30 14.41
CA VAL A 33 21.24 -3.22 14.54
C VAL A 33 21.69 -2.08 15.45
N GLY A 34 20.77 -1.21 15.84
CA GLY A 34 21.12 -0.10 16.72
C GLY A 34 19.94 0.78 17.07
N MET A 35 20.19 1.85 17.82
CA MET A 35 19.14 2.82 18.13
C MET A 35 19.40 4.12 17.39
N GLY A 36 18.37 4.69 16.77
CA GLY A 36 18.57 5.92 16.04
C GLY A 36 18.58 7.15 16.94
N LYS A 37 19.14 8.26 16.45
CA LYS A 37 19.09 9.52 17.19
C LYS A 37 17.65 10.01 17.33
N ASP A 38 16.74 9.53 16.49
CA ASP A 38 15.35 9.96 16.56
C ASP A 38 14.63 9.35 17.74
N GLY A 39 15.24 8.33 18.36
CA GLY A 39 14.59 7.61 19.43
C GLY A 39 13.81 6.35 19.02
N THR A 40 13.99 5.88 17.78
CA THR A 40 13.41 4.60 17.37
C THR A 40 14.51 3.68 16.84
N PRO A 41 14.29 2.36 16.93
CA PRO A 41 15.30 1.40 16.46
C PRO A 41 15.78 1.70 15.03
N THR A 42 17.08 1.50 14.78
CA THR A 42 17.62 1.54 13.43
C THR A 42 17.70 0.09 12.96
N LYS A 43 17.02 -0.22 11.88
CA LYS A 43 17.11 -1.55 11.27
C LYS A 43 18.27 -1.56 10.28
N ALA A 44 18.76 -2.75 9.96
CA ALA A 44 19.89 -2.89 9.05
C ALA A 44 19.58 -2.24 7.71
N ALA A 45 18.31 -2.29 7.31
CA ALA A 45 17.90 -1.63 6.08
C ALA A 45 18.07 -0.11 6.22
N ASP A 46 17.73 0.45 7.39
CA ASP A 46 17.93 1.88 7.65
C ASP A 46 19.40 2.26 7.58
N ARG A 47 20.24 1.48 8.27
CA ARG A 47 21.68 1.77 8.33
C ARG A 47 22.34 1.77 6.95
N VAL A 48 22.09 0.74 6.15
CA VAL A 48 22.68 0.72 4.81
C VAL A 48 22.20 1.88 3.93
N ALA A 49 20.91 2.24 4.05
CA ALA A 49 20.37 3.36 3.31
C ALA A 49 21.08 4.63 3.71
N GLU A 50 21.10 4.90 5.01
CA GLU A 50 21.69 6.14 5.49
C GLU A 50 23.17 6.22 5.17
N ASP A 51 23.90 5.12 5.33
CA ASP A 51 25.33 5.13 5.02
C ASP A 51 25.54 5.52 3.55
N ALA A 52 24.75 4.92 2.66
CA ALA A 52 24.90 5.20 1.24
C ALA A 52 24.59 6.66 0.95
N ALA A 53 23.54 7.18 1.58
CA ALA A 53 23.13 8.57 1.35
C ALA A 53 24.15 9.56 1.92
N LEU A 54 24.67 9.25 3.11
CA LEU A 54 25.62 10.15 3.75
C LEU A 54 26.99 10.17 3.07
N GLU A 55 27.36 9.06 2.43
CA GLU A 55 28.62 9.02 1.70
C GLU A 55 28.63 10.15 0.68
N ILE A 56 27.49 10.41 0.09
CA ILE A 56 27.35 11.41 -0.96
C ILE A 56 27.11 12.81 -0.38
N LEU A 57 26.24 12.90 0.62
CA LEU A 57 25.88 14.18 1.23
C LEU A 57 27.01 14.88 1.98
N ARG A 58 27.92 14.10 2.56
CA ARG A 58 29.01 14.70 3.32
C ARG A 58 30.04 15.37 2.41
N LYS A 59 30.05 14.99 1.14
CA LYS A 59 30.90 15.64 0.16
C LYS A 59 30.39 17.03 -0.20
N GLU A 60 29.31 17.47 0.43
CA GLU A 60 28.67 18.73 0.13
C GLU A 60 28.66 19.58 1.36
N ARG A 61 28.49 20.87 1.19
CA ARG A 61 28.40 21.77 2.33
C ARG A 61 27.00 22.01 2.81
N VAL A 62 26.50 21.09 3.61
CA VAL A 62 25.15 21.14 4.10
C VAL A 62 25.12 20.79 5.55
N THR A 63 24.10 21.19 6.22
CA THR A 63 23.77 20.61 7.52
C THR A 63 22.70 19.56 7.25
N VAL A 64 23.01 18.30 7.54
CA VAL A 64 22.05 17.22 7.35
C VAL A 64 21.30 16.92 8.63
N VAL A 65 19.99 16.74 8.51
CA VAL A 65 19.21 16.26 9.65
C VAL A 65 18.52 14.98 9.19
N THR A 66 18.97 13.85 9.72
CA THR A 66 18.55 12.55 9.22
C THR A 66 18.16 11.64 10.38
N GLU A 67 17.28 10.68 10.09
CA GLU A 67 16.62 9.93 11.16
C GLU A 67 17.54 9.13 12.06
N GLU A 68 18.45 8.38 11.47
CA GLU A 68 19.29 7.47 12.27
C GLU A 68 20.43 8.20 12.98
N SER A 69 21.18 9.01 12.23
CA SER A 69 22.35 9.71 12.76
C SER A 69 22.08 11.12 13.30
N GLY A 70 20.86 11.64 13.15
CA GLY A 70 20.56 12.95 13.69
C GLY A 70 21.16 14.08 12.88
N VAL A 71 21.72 15.08 13.59
CA VAL A 71 22.24 16.29 12.93
C VAL A 71 23.74 16.26 12.64
N LEU A 72 24.10 16.48 11.38
CA LEU A 72 25.48 16.37 10.92
C LEU A 72 25.85 17.53 10.00
N GLY A 73 27.11 17.94 10.04
CA GLY A 73 27.61 18.94 9.10
C GLY A 73 27.39 20.36 9.57
N GLU A 74 27.74 21.33 8.74
CA GLU A 74 27.67 22.73 9.18
C GLU A 74 27.22 23.75 8.13
N GLY A 75 26.93 23.28 6.92
CA GLY A 75 26.50 24.18 5.86
C GLY A 75 25.29 25.05 6.16
N ASP A 76 25.19 26.17 5.47
CA ASP A 76 24.04 27.05 5.62
C ASP A 76 22.81 26.45 4.94
N VAL A 77 23.03 25.61 3.92
CA VAL A 77 21.96 24.81 3.33
C VAL A 77 21.63 23.62 4.23
N PHE A 78 20.35 23.48 4.58
CA PHE A 78 19.86 22.37 5.42
C PHE A 78 19.21 21.30 4.56
N VAL A 79 19.51 20.03 4.86
CA VAL A 79 18.89 18.90 4.18
C VAL A 79 18.19 17.96 5.15
N ALA A 80 16.89 17.78 4.94
CA ALA A 80 16.13 16.85 5.77
C ALA A 80 16.07 15.51 5.05
N LEU A 81 16.70 14.50 5.66
CA LEU A 81 16.87 13.19 5.03
C LEU A 81 16.15 12.08 5.77
N ASP A 82 15.23 11.42 5.08
CA ASP A 82 14.75 10.13 5.55
C ASP A 82 15.38 9.12 4.61
N PRO A 83 16.43 8.44 5.08
CA PRO A 83 17.19 7.54 4.20
C PRO A 83 16.33 6.36 3.76
N LEU A 84 15.38 5.99 4.61
CA LEU A 84 14.43 4.93 4.27
C LEU A 84 13.11 5.21 4.98
N ASP A 85 12.11 5.64 4.22
CA ASP A 85 10.81 5.97 4.78
C ASP A 85 9.88 4.85 4.36
N GLY A 86 9.21 4.24 5.34
CA GLY A 86 8.46 3.03 5.07
C GLY A 86 9.27 1.76 5.37
N THR A 87 10.19 1.86 6.34
CA THR A 87 11.06 0.74 6.69
C THR A 87 10.33 -0.60 6.89
N PHE A 88 9.16 -0.57 7.52
CA PHE A 88 8.39 -1.80 7.69
C PHE A 88 8.06 -2.48 6.35
N ASN A 89 7.56 -1.72 5.40
CA ASN A 89 7.36 -2.24 4.06
C ASN A 89 8.62 -2.83 3.44
N ALA A 90 9.72 -2.08 3.54
CA ALA A 90 10.98 -2.57 3.00
C ALA A 90 11.41 -3.91 3.64
N THR A 91 11.18 -4.06 4.94
CA THR A 91 11.52 -5.33 5.56
C THR A 91 10.62 -6.48 5.12
N GLN A 92 9.40 -6.17 4.70
CA GLN A 92 8.46 -7.21 4.26
C GLN A 92 8.41 -7.41 2.75
N GLY A 93 9.19 -6.64 1.99
CA GLY A 93 9.11 -6.70 0.55
C GLY A 93 7.79 -6.22 -0.02
N ILE A 94 7.17 -5.25 0.67
CA ILE A 94 5.96 -4.59 0.22
C ILE A 94 6.38 -3.28 -0.50
N PRO A 95 6.04 -3.17 -1.80
CA PRO A 95 6.63 -2.20 -2.75
C PRO A 95 6.31 -0.70 -2.51
N VAL A 96 6.18 -0.27 -1.26
CA VAL A 96 6.05 1.15 -0.97
C VAL A 96 7.03 1.60 0.10
N TYR A 97 8.20 2.05 -0.33
CA TYR A 97 9.18 2.62 0.57
C TYR A 97 10.13 3.46 -0.24
N SER A 98 10.66 4.51 0.38
CA SER A 98 11.33 5.56 -0.37
C SER A 98 12.49 6.15 0.38
N VAL A 99 13.34 6.88 -0.33
CA VAL A 99 14.26 7.80 0.30
C VAL A 99 13.73 9.21 -0.01
N SER A 100 13.83 10.10 0.97
CA SER A 100 13.21 11.41 0.90
C SER A 100 14.21 12.49 1.28
N LEU A 101 14.27 13.53 0.45
CA LEU A 101 15.21 14.62 0.66
C LEU A 101 14.51 15.94 0.45
N CYS A 102 14.73 16.88 1.38
CA CYS A 102 14.23 18.23 1.21
C CYS A 102 15.35 19.18 1.53
N PHE A 103 15.62 20.11 0.61
CA PHE A 103 16.74 21.03 0.71
C PHE A 103 16.20 22.43 0.99
N SER A 104 16.79 23.11 1.96
CA SER A 104 16.32 24.44 2.32
C SER A 104 17.47 25.40 2.52
N TYR A 105 17.21 26.68 2.25
CA TYR A 105 18.24 27.72 2.38
C TYR A 105 18.37 28.22 3.81
N SER A 106 17.54 27.67 4.70
CA SER A 106 17.69 27.88 6.14
C SER A 106 17.15 26.66 6.89
N ASP A 107 17.07 26.75 8.21
CA ASP A 107 16.58 25.63 9.00
C ASP A 107 15.05 25.64 9.14
N LYS A 108 14.37 26.40 8.28
CA LYS A 108 12.92 26.42 8.27
C LYS A 108 12.35 25.97 6.93
N LEU A 109 11.25 25.25 6.98
CA LEU A 109 10.62 24.68 5.79
C LEU A 109 10.19 25.73 4.73
N LYS A 110 9.93 26.96 5.18
CA LYS A 110 9.51 28.01 4.26
C LYS A 110 10.59 28.32 3.25
N ASP A 111 11.84 27.94 3.58
CA ASP A 111 12.95 28.22 2.68
C ASP A 111 13.37 27.01 1.83
N ALA A 112 12.51 26.01 1.76
CA ALA A 112 12.79 24.84 0.94
C ALA A 112 12.91 25.24 -0.53
N PHE A 113 13.94 24.76 -1.20
CA PHE A 113 14.06 25.00 -2.64
C PHE A 113 14.01 23.73 -3.48
N PHE A 114 14.07 22.57 -2.84
CA PHE A 114 14.01 21.31 -3.55
C PHE A 114 13.47 20.18 -2.68
N GLY A 115 12.66 19.32 -3.29
CA GLY A 115 12.07 18.18 -2.60
C GLY A 115 12.16 16.97 -3.51
N TYR A 116 12.47 15.81 -2.94
CA TYR A 116 12.71 14.62 -3.75
C TYR A 116 12.32 13.35 -2.98
N VAL A 117 11.41 12.57 -3.55
CA VAL A 117 11.00 11.30 -2.97
C VAL A 117 11.07 10.22 -4.05
N TYR A 118 11.79 9.15 -3.75
CA TYR A 118 12.04 8.10 -4.75
C TYR A 118 11.66 6.74 -4.20
N ASN A 119 10.67 6.10 -4.81
CA ASN A 119 10.23 4.78 -4.39
C ASN A 119 11.31 3.76 -4.73
N LEU A 120 11.93 3.20 -3.70
CA LEU A 120 13.10 2.35 -3.86
C LEU A 120 12.72 0.98 -4.40
N ALA A 121 11.43 0.63 -4.29
CA ALA A 121 10.95 -0.65 -4.78
C ALA A 121 10.51 -0.62 -6.25
N THR A 122 10.01 0.52 -6.73
CA THR A 122 9.51 0.58 -8.11
C THR A 122 10.33 1.43 -9.06
N GLY A 123 11.10 2.38 -8.52
CA GLY A 123 11.83 3.30 -9.36
C GLY A 123 11.08 4.61 -9.64
N ASP A 124 9.90 4.77 -9.05
CA ASP A 124 9.12 5.99 -9.28
C ASP A 124 9.82 7.20 -8.69
N GLU A 125 10.00 8.24 -9.50
CA GLU A 125 10.72 9.42 -9.06
C GLU A 125 9.81 10.66 -8.97
N TYR A 126 9.66 11.17 -7.75
CA TYR A 126 8.93 12.42 -7.50
C TYR A 126 9.90 13.51 -7.06
N TYR A 127 9.81 14.68 -7.70
CA TYR A 127 10.50 15.84 -7.18
C TYR A 127 9.77 17.11 -7.59
N ALA A 128 10.20 18.24 -7.04
CA ALA A 128 9.63 19.52 -7.41
C ALA A 128 10.73 20.55 -7.25
N ASP A 129 10.81 21.47 -8.21
CA ASP A 129 11.70 22.61 -8.10
C ASP A 129 10.90 23.84 -8.54
N SER A 130 11.59 24.89 -8.96
CA SER A 130 10.89 26.11 -9.32
C SER A 130 10.06 25.96 -10.60
N SER A 131 10.27 24.86 -11.34
CA SER A 131 9.56 24.65 -12.59
C SER A 131 8.29 23.80 -12.45
N GLY A 132 7.92 23.46 -11.21
CA GLY A 132 6.77 22.62 -10.97
C GLY A 132 7.11 21.29 -10.29
N ALA A 133 6.17 20.37 -10.29
CA ALA A 133 6.33 19.09 -9.61
C ALA A 133 6.25 17.97 -10.63
N TYR A 134 6.99 16.89 -10.37
CA TYR A 134 7.15 15.83 -11.36
C TYR A 134 7.03 14.43 -10.80
N ARG A 135 6.51 13.54 -11.64
CA ARG A 135 6.57 12.12 -11.38
C ARG A 135 7.14 11.46 -12.62
N ASN A 136 8.29 10.81 -12.46
CA ASN A 136 9.00 10.20 -13.58
C ASN A 136 9.11 11.11 -14.79
N GLY A 137 9.51 12.35 -14.56
CA GLY A 137 9.78 13.29 -15.63
C GLY A 137 8.57 14.04 -16.14
N GLU A 138 7.38 13.68 -15.69
CA GLU A 138 6.16 14.33 -16.18
C GLU A 138 5.48 15.18 -15.11
N ARG A 139 5.06 16.39 -15.49
CA ARG A 139 4.41 17.31 -14.59
C ARG A 139 3.15 16.72 -13.96
N ILE A 140 2.96 16.96 -12.68
CA ILE A 140 1.81 16.43 -11.98
C ILE A 140 1.08 17.59 -11.31
N GLU A 141 -0.15 17.34 -10.90
CA GLU A 141 -0.90 18.33 -10.13
C GLU A 141 -1.96 17.63 -9.32
N VAL A 142 -2.37 18.28 -8.24
CA VAL A 142 -3.32 17.69 -7.31
C VAL A 142 -4.68 17.55 -7.97
N SER A 143 -5.55 16.73 -7.39
CA SER A 143 -6.87 16.50 -7.97
C SER A 143 -7.78 17.70 -7.70
N ASP A 144 -8.91 17.77 -8.39
CA ASP A 144 -9.85 18.88 -8.20
C ASP A 144 -11.10 18.49 -7.42
N ALA A 145 -11.02 17.37 -6.71
CA ALA A 145 -12.10 16.87 -5.86
C ALA A 145 -12.59 17.95 -4.89
N GLU A 146 -13.91 18.09 -4.77
CA GLU A 146 -14.50 19.11 -3.90
C GLU A 146 -15.34 18.52 -2.79
N GLU A 147 -15.76 17.26 -2.96
CA GLU A 147 -16.65 16.62 -2.00
C GLU A 147 -15.85 15.90 -0.93
N LEU A 148 -16.46 15.70 0.23
CA LEU A 148 -15.87 14.90 1.30
C LEU A 148 -15.90 13.42 0.92
N TYR A 149 -16.75 13.08 -0.03
CA TYR A 149 -16.78 11.74 -0.59
C TYR A 149 -15.65 11.65 -1.60
N CYS A 150 -14.43 11.54 -1.07
CA CYS A 150 -13.21 11.53 -1.86
C CYS A 150 -12.31 10.36 -1.44
N ASN A 151 -11.19 10.20 -2.14
CA ASN A 151 -10.20 9.20 -1.78
C ASN A 151 -9.15 9.79 -0.85
N ALA A 152 -9.06 9.22 0.34
CA ALA A 152 -8.27 9.81 1.41
C ALA A 152 -7.18 8.86 1.89
N ILE A 153 -6.01 9.41 2.14
CA ILE A 153 -5.02 8.70 2.90
C ILE A 153 -5.11 9.34 4.27
N ILE A 154 -5.30 8.52 5.28
CA ILE A 154 -5.53 9.03 6.61
C ILE A 154 -4.88 8.19 7.71
N TYR A 155 -4.09 8.86 8.54
CA TYR A 155 -3.47 8.31 9.74
C TYR A 155 -4.00 9.09 10.93
N TYR A 156 -4.91 8.53 11.74
CA TYR A 156 -5.55 7.25 11.52
C TYR A 156 -7.03 7.53 11.63
N PRO A 157 -7.87 6.74 10.93
CA PRO A 157 -9.31 6.93 11.17
C PRO A 157 -9.70 6.32 12.51
N ASP A 158 -10.39 7.08 13.35
CA ASP A 158 -10.85 6.55 14.64
C ASP A 158 -12.33 6.84 14.88
N ARG A 159 -13.02 7.15 13.79
CA ARG A 159 -14.46 7.35 13.82
C ARG A 159 -15.02 7.09 12.42
N LYS A 160 -16.34 7.06 12.29
CA LYS A 160 -16.97 6.94 10.99
C LYS A 160 -16.65 8.18 10.15
N PHE A 161 -16.40 8.00 8.86
CA PHE A 161 -16.00 9.08 7.97
C PHE A 161 -16.74 9.01 6.64
N PRO A 162 -16.82 10.14 5.92
CA PRO A 162 -17.64 10.18 4.68
C PRO A 162 -16.88 9.82 3.41
N PHE A 163 -15.61 9.44 3.54
CA PHE A 163 -14.75 9.19 2.39
C PHE A 163 -15.24 8.03 1.52
N GLU A 164 -14.85 8.05 0.25
CA GLU A 164 -15.17 6.95 -0.65
C GLU A 164 -14.20 5.81 -0.42
N ARG A 165 -12.93 6.17 -0.23
CA ARG A 165 -11.89 5.21 0.11
C ARG A 165 -11.03 5.81 1.19
N MET A 166 -10.55 4.94 2.07
CA MET A 166 -9.47 5.30 2.97
C MET A 166 -8.33 4.32 2.73
N ARG A 167 -7.12 4.84 2.55
CA ARG A 167 -5.94 3.99 2.41
C ARG A 167 -4.84 4.46 3.35
N ILE A 168 -3.99 3.51 3.76
CA ILE A 168 -2.83 3.77 4.62
C ILE A 168 -1.70 2.86 4.14
N PHE A 169 -0.74 3.41 3.41
CA PHE A 169 0.24 2.60 2.70
C PHE A 169 1.54 2.39 3.49
N GLY A 170 1.78 3.23 4.49
CA GLY A 170 2.92 3.04 5.35
C GLY A 170 4.21 3.76 4.98
N SER A 171 4.11 4.77 4.11
CA SER A 171 5.26 5.63 3.80
C SER A 171 4.79 7.05 3.52
N ALA A 172 4.82 7.90 4.55
CA ALA A 172 4.24 9.22 4.47
C ALA A 172 4.84 10.05 3.34
N ALA A 173 6.16 9.97 3.15
CA ALA A 173 6.81 10.73 2.10
C ALA A 173 6.25 10.36 0.73
N THR A 174 5.99 9.07 0.53
CA THR A 174 5.47 8.62 -0.77
C THR A 174 3.99 8.95 -0.88
N GLU A 175 3.28 8.81 0.23
CA GLU A 175 1.85 9.02 0.23
C GLU A 175 1.49 10.49 -0.02
N LEU A 176 2.32 11.39 0.49
CA LEU A 176 2.19 12.80 0.18
C LEU A 176 2.35 13.02 -1.31
N CYS A 177 3.21 12.24 -1.95
CA CYS A 177 3.36 12.29 -3.40
C CYS A 177 2.16 11.65 -4.12
N PHE A 178 1.54 10.64 -3.52
CA PHE A 178 0.32 10.06 -4.11
C PHE A 178 -0.75 11.14 -4.13
N PHE A 179 -0.75 11.98 -3.10
CA PHE A 179 -1.61 13.15 -3.09
C PHE A 179 -1.16 14.18 -4.14
N ALA A 180 0.12 14.50 -4.15
CA ALA A 180 0.64 15.48 -5.10
C ALA A 180 0.27 15.20 -6.56
N ASP A 181 0.24 13.93 -6.96
CA ASP A 181 0.01 13.62 -8.37
C ASP A 181 -1.47 13.38 -8.73
N GLY A 182 -2.36 13.58 -7.76
CA GLY A 182 -3.79 13.42 -8.00
C GLY A 182 -4.37 12.04 -7.71
N SER A 183 -3.52 11.06 -7.39
CA SER A 183 -3.98 9.70 -7.11
C SER A 183 -4.99 9.71 -5.97
N PHE A 184 -4.66 10.45 -4.93
CA PHE A 184 -5.55 10.61 -3.78
C PHE A 184 -5.93 12.08 -3.60
N ASP A 185 -7.10 12.33 -3.04
CA ASP A 185 -7.65 13.68 -3.00
C ASP A 185 -7.14 14.44 -1.79
N CYS A 186 -6.67 13.70 -0.79
CA CYS A 186 -6.09 14.34 0.38
C CYS A 186 -5.18 13.38 1.15
N PHE A 187 -4.32 13.97 1.98
CA PHE A 187 -3.46 13.23 2.89
C PHE A 187 -3.69 13.81 4.26
N LEU A 188 -4.04 12.94 5.20
CA LEU A 188 -4.25 13.39 6.57
C LEU A 188 -3.38 12.59 7.52
N ASP A 189 -2.58 13.29 8.31
CA ASP A 189 -1.96 12.69 9.46
C ASP A 189 -2.41 13.53 10.66
N ILE A 190 -3.42 13.03 11.35
CA ILE A 190 -4.03 13.75 12.46
C ILE A 190 -3.83 12.99 13.76
N ARG A 191 -2.86 12.09 13.78
CA ARG A 191 -2.56 11.35 15.00
C ARG A 191 -2.27 12.33 16.12
N PRO A 192 -3.06 12.26 17.19
CA PRO A 192 -2.96 13.18 18.32
C PRO A 192 -1.55 13.26 18.90
N GLY A 193 -0.83 12.14 18.90
CA GLY A 193 0.56 12.13 19.35
C GLY A 193 1.49 13.08 18.58
N LYS A 194 1.07 13.49 17.38
CA LYS A 194 1.88 14.31 16.47
C LYS A 194 3.22 13.61 16.17
N MET A 195 3.17 12.58 15.32
CA MET A 195 4.28 11.64 15.15
C MET A 195 5.27 11.96 14.04
N LEU A 196 4.81 12.61 12.98
CA LEU A 196 5.68 12.92 11.84
C LEU A 196 6.83 13.80 12.23
N ARG A 197 8.01 13.45 11.76
CA ARG A 197 9.20 14.27 11.97
CA ARG A 197 9.21 14.25 11.96
C ARG A 197 9.52 15.02 10.68
N ILE A 198 10.37 16.03 10.78
CA ILE A 198 10.62 16.90 9.64
C ILE A 198 11.03 16.13 8.38
N TYR A 199 11.79 15.04 8.56
CA TYR A 199 12.33 14.31 7.40
C TYR A 199 11.31 13.37 6.78
N ASP A 200 10.27 13.03 7.52
CA ASP A 200 9.13 12.30 6.98
C ASP A 200 8.31 13.15 5.99
N ALA A 201 8.09 14.40 6.35
CA ALA A 201 7.09 15.20 5.64
C ALA A 201 7.66 16.21 4.66
N ALA A 202 8.86 16.71 4.93
CA ALA A 202 9.35 17.92 4.27
C ALA A 202 9.31 17.87 2.73
N ALA A 203 9.96 16.86 2.15
CA ALA A 203 9.95 16.69 0.70
C ALA A 203 8.53 16.56 0.17
N GLY A 204 7.71 15.80 0.89
CA GLY A 204 6.36 15.51 0.47
C GLY A 204 5.51 16.77 0.45
N VAL A 205 5.71 17.63 1.46
CA VAL A 205 4.99 18.89 1.56
C VAL A 205 5.38 19.86 0.41
N PHE A 206 6.68 19.95 0.15
CA PHE A 206 7.18 20.82 -0.91
C PHE A 206 6.70 20.38 -2.28
N ILE A 207 6.80 19.07 -2.56
CA ILE A 207 6.29 18.55 -3.81
C ILE A 207 4.77 18.77 -3.94
N ALA A 208 4.02 18.53 -2.86
CA ALA A 208 2.57 18.65 -2.90
C ALA A 208 2.12 20.09 -3.14
N GLU A 209 2.80 21.04 -2.51
CA GLU A 209 2.47 22.45 -2.71
C GLU A 209 2.80 22.89 -4.13
N LYS A 210 3.95 22.48 -4.64
CA LYS A 210 4.31 22.78 -6.02
C LYS A 210 3.35 22.14 -7.03
N ALA A 211 2.69 21.05 -6.60
CA ALA A 211 1.67 20.41 -7.42
C ALA A 211 0.33 21.13 -7.26
N GLY A 212 0.32 22.17 -6.44
CA GLY A 212 -0.88 22.97 -6.25
C GLY A 212 -1.68 22.71 -4.99
N GLY A 213 -1.25 21.76 -4.16
CA GLY A 213 -2.03 21.39 -3.00
C GLY A 213 -1.92 22.42 -1.91
N LYS A 214 -2.91 22.48 -1.03
CA LYS A 214 -2.80 23.29 0.16
C LYS A 214 -2.41 22.39 1.34
N VAL A 215 -1.30 22.68 1.98
CA VAL A 215 -0.82 21.79 3.02
C VAL A 215 -0.55 22.57 4.31
N THR A 216 -1.22 22.18 5.38
CA THR A 216 -1.17 22.91 6.64
C THR A 216 -1.04 22.00 7.84
N GLU A 217 -0.86 22.60 9.01
CA GLU A 217 -0.92 21.87 10.26
C GLU A 217 -2.36 21.51 10.58
N LEU A 218 -2.54 20.94 11.76
CA LEU A 218 -3.84 20.40 12.19
C LEU A 218 -4.96 21.44 12.16
N ASP A 219 -4.58 22.69 12.46
CA ASP A 219 -5.55 23.77 12.62
C ASP A 219 -5.56 24.79 11.48
N GLY A 220 -4.92 24.47 10.36
CA GLY A 220 -4.89 25.37 9.22
C GLY A 220 -3.67 26.27 9.23
N GLU A 221 -2.90 26.20 10.30
CA GLU A 221 -1.70 27.02 10.44
C GLU A 221 -0.65 26.65 9.40
N SER A 222 0.10 27.65 8.92
CA SER A 222 1.14 27.43 7.94
C SER A 222 2.24 26.52 8.48
N LEU A 223 2.87 25.76 7.59
CA LEU A 223 3.95 24.86 7.98
C LEU A 223 5.29 25.54 7.80
N GLY A 224 5.25 26.79 7.33
CA GLY A 224 6.44 27.55 6.99
C GLY A 224 7.55 27.59 8.02
N ASN A 225 7.19 27.56 9.31
CA ASN A 225 8.17 27.72 10.38
C ASN A 225 8.62 26.42 11.02
N LYS A 226 8.22 25.29 10.44
CA LYS A 226 8.68 24.01 10.94
C LYS A 226 10.21 23.94 10.83
N LYS A 227 10.85 23.59 11.93
CA LYS A 227 12.31 23.56 11.99
CA LYS A 227 12.31 23.56 11.97
C LYS A 227 12.89 22.25 11.42
N PHE A 228 14.03 22.37 10.77
CA PHE A 228 14.78 21.21 10.34
C PHE A 228 15.62 20.78 11.54
N ASP A 229 14.97 20.17 12.53
CA ASP A 229 15.70 19.61 13.66
C ASP A 229 15.04 18.32 14.12
N MET A 230 15.67 17.63 15.07
CA MET A 230 15.17 16.32 15.50
C MET A 230 13.92 16.44 16.39
N GLN A 231 13.76 17.58 17.02
CA GLN A 231 12.63 17.81 17.93
C GLN A 231 11.31 18.07 17.21
N GLU A 232 11.39 18.60 15.98
CA GLU A 232 10.19 19.01 15.26
C GLU A 232 9.18 17.88 15.04
N ARG A 233 7.89 18.20 15.17
CA ARG A 233 6.81 17.24 14.94
C ARG A 233 5.70 17.90 14.13
N LEU A 234 4.96 17.09 13.38
CA LEU A 234 3.93 17.63 12.48
C LEU A 234 2.66 16.79 12.44
N ASN A 235 1.53 17.48 12.37
CA ASN A 235 0.31 16.89 11.82
C ASN A 235 0.14 17.54 10.47
N ILE A 236 -0.51 16.86 9.54
CA ILE A 236 -0.66 17.39 8.19
C ILE A 236 -2.11 17.24 7.77
N VAL A 237 -2.65 18.30 7.16
CA VAL A 237 -3.92 18.24 6.48
C VAL A 237 -3.66 18.83 5.10
N ALA A 238 -3.77 17.99 4.08
CA ALA A 238 -3.39 18.43 2.74
C ALA A 238 -4.46 18.04 1.74
N ALA A 239 -4.80 18.98 0.86
CA ALA A 239 -5.88 18.79 -0.11
C ALA A 239 -5.85 20.00 -1.01
N ASN A 240 -6.59 19.95 -2.11
CA ASN A 240 -6.72 21.13 -2.95
C ASN A 240 -7.41 22.23 -2.18
N GLU A 241 -7.36 23.46 -2.71
CA GLU A 241 -7.90 24.64 -2.04
CA GLU A 241 -7.90 24.64 -2.04
C GLU A 241 -9.38 24.53 -1.70
N LYS A 242 -10.17 23.96 -2.60
CA LYS A 242 -11.61 23.82 -2.36
C LYS A 242 -11.91 22.82 -1.23
N LEU A 243 -11.28 21.66 -1.29
CA LEU A 243 -11.53 20.59 -0.33
C LEU A 243 -10.91 20.86 1.03
N HIS A 244 -9.80 21.57 1.07
CA HIS A 244 -9.06 21.75 2.32
C HIS A 244 -9.87 22.29 3.51
N PRO A 245 -10.58 23.43 3.34
CA PRO A 245 -11.36 23.93 4.48
C PRO A 245 -12.46 22.97 4.95
N LYS A 246 -13.10 22.25 4.03
CA LYS A 246 -14.07 21.24 4.43
C LYS A 246 -13.45 20.19 5.37
N LEU A 247 -12.24 19.72 5.04
CA LEU A 247 -11.58 18.70 5.86
C LEU A 247 -11.23 19.26 7.23
N LEU A 248 -10.82 20.52 7.27
CA LEU A 248 -10.51 21.19 8.53
C LEU A 248 -11.71 21.17 9.45
N GLU A 249 -12.88 21.39 8.87
CA GLU A 249 -14.11 21.36 9.63
C GLU A 249 -14.39 19.94 10.09
N LEU A 250 -14.32 19.00 9.14
CA LEU A 250 -14.63 17.61 9.39
C LEU A 250 -13.91 17.06 10.63
N ILE A 251 -12.63 17.37 10.75
CA ILE A 251 -11.81 16.74 11.78
C ILE A 251 -11.81 17.49 13.11
N LYS A 252 -12.53 18.62 13.16
CA LYS A 252 -12.71 19.34 14.42
C LYS A 252 -13.30 18.41 15.47
N MET B 1 -9.73 -31.88 -13.39
CA MET B 1 -8.63 -30.93 -13.20
C MET B 1 -7.96 -31.16 -11.86
N ASP B 2 -6.64 -30.95 -11.81
CA ASP B 2 -5.94 -31.06 -10.53
C ASP B 2 -5.17 -29.79 -10.14
N GLU B 3 -4.50 -29.81 -8.99
CA GLU B 3 -3.79 -28.65 -8.50
C GLU B 3 -2.61 -28.21 -9.39
N ARG B 4 -2.09 -29.12 -10.20
CA ARG B 4 -0.97 -28.78 -11.06
C ARG B 4 -1.48 -28.12 -12.32
N ASP B 5 -2.59 -28.61 -12.85
CA ASP B 5 -3.25 -27.94 -13.97
C ASP B 5 -3.58 -26.51 -13.59
N ALA B 6 -4.08 -26.34 -12.35
CA ALA B 6 -4.51 -25.03 -11.89
C ALA B 6 -3.32 -24.09 -11.75
N LEU B 7 -2.18 -24.62 -11.32
CA LEU B 7 -0.98 -23.80 -11.23
C LEU B 7 -0.57 -23.32 -12.64
N ARG B 8 -0.64 -24.25 -13.59
CA ARG B 8 -0.25 -23.98 -14.96
C ARG B 8 -1.15 -22.93 -15.59
N ILE B 9 -2.44 -23.20 -15.54
CA ILE B 9 -3.47 -22.27 -15.99
C ILE B 9 -3.34 -20.88 -15.34
N SER B 10 -3.11 -20.84 -14.03
CA SER B 10 -3.01 -19.56 -13.34
C SER B 10 -1.80 -18.77 -13.81
N ARG B 11 -0.68 -19.45 -13.99
CA ARG B 11 0.51 -18.79 -14.48
C ARG B 11 0.33 -18.26 -15.90
N GLU B 12 -0.33 -19.03 -16.76
CA GLU B 12 -0.58 -18.56 -18.12
C GLU B 12 -1.45 -17.28 -18.08
N ILE B 13 -2.45 -17.28 -17.21
CA ILE B 13 -3.32 -16.14 -17.01
C ILE B 13 -2.57 -14.96 -16.44
N ALA B 14 -1.69 -15.19 -15.47
CA ALA B 14 -0.94 -14.09 -14.88
C ALA B 14 -0.10 -13.39 -15.95
N GLY B 15 0.54 -14.20 -16.79
CA GLY B 15 1.37 -13.71 -17.87
C GLY B 15 0.65 -12.76 -18.82
N GLU B 16 -0.49 -13.19 -19.32
CA GLU B 16 -1.28 -12.39 -20.26
C GLU B 16 -1.94 -11.18 -19.63
N VAL B 17 -2.46 -11.32 -18.42
CA VAL B 17 -3.04 -10.17 -17.74
C VAL B 17 -1.96 -9.13 -17.46
N ARG B 18 -0.78 -9.59 -17.04
CA ARG B 18 0.29 -8.66 -16.75
C ARG B 18 0.68 -7.89 -18.00
N LYS B 19 0.78 -8.60 -19.12
CA LYS B 19 1.16 -7.98 -20.38
C LYS B 19 0.13 -6.92 -20.72
N ALA B 20 -1.14 -7.33 -20.70
CA ALA B 20 -2.25 -6.47 -21.10
C ALA B 20 -2.34 -5.16 -20.32
N ILE B 21 -2.18 -5.24 -19.00
CA ILE B 21 -2.25 -4.05 -18.16
C ILE B 21 -1.02 -3.17 -18.35
N ALA B 22 0.14 -3.79 -18.46
CA ALA B 22 1.39 -3.04 -18.52
C ALA B 22 1.46 -2.14 -19.74
N SER B 23 0.80 -2.54 -20.82
CA SER B 23 0.88 -1.83 -22.08
C SER B 23 -0.15 -0.70 -22.14
N MET B 24 -1.00 -0.65 -21.13
CA MET B 24 -2.11 0.29 -21.12
C MET B 24 -1.81 1.50 -20.23
N PRO B 25 -1.80 2.70 -20.83
CA PRO B 25 -1.47 3.94 -20.08
C PRO B 25 -2.51 4.21 -18.99
N LEU B 26 -2.11 4.94 -17.96
CA LEU B 26 -3.00 5.22 -16.83
C LEU B 26 -4.27 5.95 -17.24
N ARG B 27 -4.15 6.83 -18.24
CA ARG B 27 -5.30 7.61 -18.69
C ARG B 27 -6.34 6.71 -19.36
N GLU B 28 -5.89 5.61 -19.96
CA GLU B 28 -6.83 4.66 -20.51
C GLU B 28 -7.38 3.70 -19.46
N ARG B 29 -6.54 3.31 -18.50
CA ARG B 29 -6.93 2.35 -17.47
C ARG B 29 -8.17 2.81 -16.71
N VAL B 30 -8.22 4.11 -16.45
CA VAL B 30 -9.20 4.68 -15.54
C VAL B 30 -10.55 4.97 -16.23
N LYS B 31 -10.63 4.67 -17.53
CA LYS B 31 -11.89 4.93 -18.24
C LYS B 31 -13.00 4.00 -17.80
N ASP B 32 -14.19 4.54 -17.59
CA ASP B 32 -15.37 3.74 -17.28
C ASP B 32 -15.97 3.27 -18.59
N VAL B 33 -15.81 1.98 -18.91
CA VAL B 33 -16.22 1.48 -20.22
C VAL B 33 -17.51 0.67 -20.16
N GLY B 34 -18.01 0.40 -18.96
CA GLY B 34 -19.23 -0.40 -18.83
C GLY B 34 -19.66 -0.67 -17.41
N MET B 35 -20.72 -1.45 -17.26
CA MET B 35 -21.16 -1.88 -15.95
C MET B 35 -20.81 -3.34 -15.76
N GLY B 36 -20.38 -3.70 -14.55
CA GLY B 36 -20.11 -5.11 -14.30
C GLY B 36 -21.34 -5.84 -13.79
N LYS B 37 -21.41 -7.14 -14.06
CA LYS B 37 -22.46 -7.97 -13.48
C LYS B 37 -22.49 -7.90 -11.94
N ASP B 38 -21.36 -7.51 -11.33
CA ASP B 38 -21.29 -7.37 -9.86
C ASP B 38 -22.10 -6.18 -9.36
N GLY B 39 -22.42 -5.26 -10.27
CA GLY B 39 -23.09 -4.03 -9.89
C GLY B 39 -22.17 -2.84 -9.63
N THR B 40 -20.89 -2.94 -10.00
CA THR B 40 -19.99 -1.80 -9.94
C THR B 40 -19.43 -1.56 -11.33
N PRO B 41 -19.00 -0.31 -11.60
CA PRO B 41 -18.54 -0.05 -12.97
C PRO B 41 -17.34 -0.90 -13.41
N THR B 42 -17.23 -1.14 -14.71
CA THR B 42 -16.10 -1.86 -15.26
C THR B 42 -15.15 -0.84 -15.86
N LYS B 43 -13.95 -0.72 -15.28
CA LYS B 43 -12.93 0.11 -15.87
C LYS B 43 -12.30 -0.63 -17.05
N ALA B 44 -11.70 0.13 -17.96
CA ALA B 44 -11.07 -0.46 -19.14
C ALA B 44 -9.93 -1.38 -18.69
N ALA B 45 -9.29 -1.02 -17.58
CA ALA B 45 -8.29 -1.90 -16.98
C ALA B 45 -8.92 -3.24 -16.57
N ASP B 46 -10.12 -3.20 -16.00
CA ASP B 46 -10.84 -4.42 -15.62
C ASP B 46 -11.16 -5.27 -16.85
N ARG B 47 -11.69 -4.60 -17.89
CA ARG B 47 -12.11 -5.29 -19.11
C ARG B 47 -10.96 -5.99 -19.80
N VAL B 48 -9.84 -5.29 -20.01
CA VAL B 48 -8.72 -5.91 -20.71
C VAL B 48 -8.14 -7.08 -19.89
N ALA B 49 -8.20 -6.97 -18.56
CA ALA B 49 -7.75 -8.05 -17.69
C ALA B 49 -8.66 -9.27 -17.82
N GLU B 50 -9.96 -9.03 -17.67
CA GLU B 50 -10.92 -10.13 -17.71
C GLU B 50 -10.90 -10.84 -19.06
N ASP B 51 -10.81 -10.07 -20.14
CA ASP B 51 -10.77 -10.67 -21.48
C ASP B 51 -9.57 -11.60 -21.62
N ALA B 52 -8.41 -11.13 -21.18
CA ALA B 52 -7.20 -11.95 -21.26
C ALA B 52 -7.34 -13.22 -20.42
N ALA B 53 -7.91 -13.07 -19.22
CA ALA B 53 -8.14 -14.22 -18.34
C ALA B 53 -9.13 -15.20 -18.95
N LEU B 54 -10.27 -14.70 -19.43
CA LEU B 54 -11.31 -15.59 -19.95
C LEU B 54 -10.92 -16.29 -21.25
N GLU B 55 -10.07 -15.65 -22.04
CA GLU B 55 -9.54 -16.27 -23.24
C GLU B 55 -8.96 -17.65 -22.92
N ILE B 56 -8.23 -17.73 -21.82
CA ILE B 56 -7.58 -18.96 -21.38
C ILE B 56 -8.55 -19.91 -20.65
N LEU B 57 -9.31 -19.37 -19.69
CA LEU B 57 -10.22 -20.16 -18.86
C LEU B 57 -11.33 -20.86 -19.63
N ARG B 58 -11.88 -20.18 -20.63
CA ARG B 58 -13.00 -20.75 -21.38
C ARG B 58 -12.61 -22.07 -22.06
N LYS B 59 -11.33 -22.20 -22.39
CA LYS B 59 -10.80 -23.43 -22.98
C LYS B 59 -10.78 -24.59 -21.99
N GLU B 60 -11.27 -24.36 -20.77
CA GLU B 60 -11.31 -25.40 -19.75
C GLU B 60 -12.76 -25.74 -19.40
N ARG B 61 -12.96 -26.94 -18.86
CA ARG B 61 -14.28 -27.39 -18.44
CA ARG B 61 -14.29 -27.36 -18.45
C ARG B 61 -14.55 -26.87 -17.03
N VAL B 62 -14.87 -25.58 -16.93
CA VAL B 62 -15.13 -24.96 -15.63
C VAL B 62 -16.34 -24.05 -15.65
N THR B 63 -16.89 -23.81 -14.47
CA THR B 63 -17.82 -22.70 -14.28
C THR B 63 -17.03 -21.55 -13.66
N VAL B 64 -16.97 -20.42 -14.37
CA VAL B 64 -16.23 -19.26 -13.90
C VAL B 64 -17.16 -18.27 -13.20
N VAL B 65 -16.73 -17.78 -12.04
CA VAL B 65 -17.44 -16.70 -11.37
C VAL B 65 -16.53 -15.50 -11.32
N THR B 66 -16.78 -14.52 -12.18
CA THR B 66 -15.89 -13.38 -12.31
C THR B 66 -16.61 -12.03 -12.21
N GLU B 67 -15.91 -11.02 -11.73
CA GLU B 67 -16.50 -9.75 -11.35
C GLU B 67 -17.25 -9.03 -12.44
N GLU B 68 -16.61 -8.84 -13.60
CA GLU B 68 -17.24 -8.03 -14.65
C GLU B 68 -18.34 -8.79 -15.40
N SER B 69 -18.04 -10.00 -15.85
CA SER B 69 -18.98 -10.79 -16.67
C SER B 69 -19.86 -11.80 -15.92
N GLY B 70 -19.72 -11.89 -14.60
CA GLY B 70 -20.59 -12.77 -13.83
C GLY B 70 -20.28 -14.24 -14.01
N VAL B 71 -21.33 -15.07 -14.07
CA VAL B 71 -21.17 -16.52 -14.13
C VAL B 71 -21.17 -17.08 -15.56
N LEU B 72 -20.14 -17.85 -15.89
CA LEU B 72 -19.95 -18.34 -17.24
C LEU B 72 -19.56 -19.81 -17.24
N GLY B 73 -19.91 -20.52 -18.32
CA GLY B 73 -19.48 -21.91 -18.51
C GLY B 73 -20.32 -22.88 -17.70
N GLU B 74 -19.96 -24.17 -17.73
CA GLU B 74 -20.84 -25.19 -17.15
C GLU B 74 -20.15 -26.27 -16.30
N GLY B 75 -18.81 -26.29 -16.31
CA GLY B 75 -18.06 -27.33 -15.62
C GLY B 75 -18.34 -27.59 -14.13
N ASP B 76 -17.98 -28.79 -13.68
CA ASP B 76 -18.15 -29.15 -12.27
C ASP B 76 -17.16 -28.41 -11.37
N VAL B 77 -15.99 -28.07 -11.92
CA VAL B 77 -15.01 -27.26 -11.21
C VAL B 77 -15.39 -25.76 -11.26
N PHE B 78 -15.49 -25.13 -10.10
CA PHE B 78 -15.78 -23.69 -10.03
C PHE B 78 -14.50 -22.88 -9.87
N VAL B 79 -14.39 -21.79 -10.64
CA VAL B 79 -13.27 -20.86 -10.51
C VAL B 79 -13.75 -19.47 -10.20
N ALA B 80 -13.37 -18.95 -9.04
CA ALA B 80 -13.68 -17.57 -8.69
C ALA B 80 -12.52 -16.66 -9.11
N LEU B 81 -12.83 -15.74 -10.02
CA LEU B 81 -11.84 -14.88 -10.67
C LEU B 81 -12.06 -13.40 -10.38
N ASP B 82 -11.07 -12.76 -9.77
CA ASP B 82 -11.00 -11.32 -9.79
C ASP B 82 -9.91 -11.02 -10.80
N PRO B 83 -10.30 -10.57 -12.00
CA PRO B 83 -9.32 -10.39 -13.07
C PRO B 83 -8.39 -9.22 -12.74
N LEU B 84 -8.90 -8.29 -11.93
CA LEU B 84 -8.10 -7.18 -11.46
C LEU B 84 -8.59 -6.73 -10.08
N ASP B 85 -7.85 -7.10 -9.05
CA ASP B 85 -8.20 -6.74 -7.70
C ASP B 85 -7.32 -5.58 -7.27
N GLY B 86 -7.94 -4.49 -6.85
CA GLY B 86 -7.22 -3.26 -6.58
C GLY B 86 -7.18 -2.34 -7.79
N THR B 87 -8.29 -2.33 -8.54
CA THR B 87 -8.38 -1.56 -9.78
C THR B 87 -8.01 -0.09 -9.60
N PHE B 88 -8.45 0.50 -8.49
CA PHE B 88 -8.07 1.87 -8.20
C PHE B 88 -6.55 2.07 -8.21
N ASN B 89 -5.83 1.20 -7.52
CA ASN B 89 -4.37 1.28 -7.50
C ASN B 89 -3.81 1.17 -8.91
N ALA B 90 -4.30 0.21 -9.68
CA ALA B 90 -3.85 0.04 -11.05
C ALA B 90 -4.11 1.29 -11.91
N THR B 91 -5.22 1.97 -11.69
CA THR B 91 -5.46 3.19 -12.46
C THR B 91 -4.55 4.36 -12.04
N GLN B 92 -4.04 4.33 -10.82
CA GLN B 92 -3.13 5.38 -10.36
C GLN B 92 -1.65 4.99 -10.44
N GLY B 93 -1.35 3.78 -10.88
CA GLY B 93 0.03 3.31 -10.91
C GLY B 93 0.65 3.08 -9.52
N ILE B 94 -0.19 2.78 -8.54
CA ILE B 94 0.25 2.39 -7.21
C ILE B 94 0.42 0.85 -7.19
N PRO B 95 1.64 0.37 -6.87
CA PRO B 95 2.04 -1.01 -7.18
C PRO B 95 1.42 -2.11 -6.31
N VAL B 96 0.14 -1.98 -5.96
CA VAL B 96 -0.56 -3.09 -5.31
C VAL B 96 -1.89 -3.43 -6.02
N TYR B 97 -1.82 -4.31 -7.01
CA TYR B 97 -3.01 -4.80 -7.67
C TYR B 97 -2.68 -6.16 -8.25
N SER B 98 -3.69 -7.02 -8.34
CA SER B 98 -3.45 -8.43 -8.59
C SER B 98 -4.56 -9.07 -9.40
N VAL B 99 -4.24 -10.19 -10.01
CA VAL B 99 -5.26 -11.10 -10.50
C VAL B 99 -5.35 -12.24 -9.49
N SER B 100 -6.58 -12.67 -9.21
CA SER B 100 -6.83 -13.67 -8.19
C SER B 100 -7.71 -14.80 -8.72
N LEU B 101 -7.28 -16.03 -8.48
CA LEU B 101 -8.02 -17.22 -8.89
C LEU B 101 -8.13 -18.22 -7.76
N CYS B 102 -9.33 -18.77 -7.57
CA CYS B 102 -9.52 -19.86 -6.62
C CYS B 102 -10.34 -20.94 -7.28
N PHE B 103 -9.82 -22.17 -7.24
CA PHE B 103 -10.42 -23.32 -7.93
C PHE B 103 -11.05 -24.22 -6.88
N SER B 104 -12.25 -24.70 -7.15
CA SER B 104 -12.96 -25.57 -6.23
C SER B 104 -13.67 -26.70 -6.95
N TYR B 105 -13.79 -27.84 -6.27
CA TYR B 105 -14.46 -29.02 -6.84
C TYR B 105 -15.98 -28.95 -6.69
N SER B 106 -16.47 -27.94 -5.99
CA SER B 106 -17.90 -27.65 -5.95
C SER B 106 -18.08 -26.13 -5.90
N ASP B 107 -19.31 -25.68 -5.67
CA ASP B 107 -19.58 -24.25 -5.63
C ASP B 107 -19.43 -23.70 -4.20
N LYS B 108 -18.79 -24.46 -3.34
CA LYS B 108 -18.52 -24.01 -1.97
C LYS B 108 -17.01 -23.90 -1.70
N LEU B 109 -16.64 -22.91 -0.90
CA LEU B 109 -15.23 -22.65 -0.62
C LEU B 109 -14.52 -23.81 0.11
N LYS B 110 -15.27 -24.62 0.87
CA LYS B 110 -14.67 -25.75 1.58
C LYS B 110 -14.03 -26.74 0.61
N ASP B 111 -14.48 -26.71 -0.65
CA ASP B 111 -13.91 -27.64 -1.64
C ASP B 111 -12.80 -27.04 -2.51
N ALA B 112 -12.24 -25.93 -2.07
CA ALA B 112 -11.16 -25.30 -2.81
C ALA B 112 -9.94 -26.22 -2.79
N PHE B 113 -9.29 -26.36 -3.95
CA PHE B 113 -8.06 -27.14 -4.02
C PHE B 113 -6.87 -26.32 -4.52
N PHE B 114 -7.15 -25.11 -4.99
CA PHE B 114 -6.08 -24.24 -5.47
C PHE B 114 -6.44 -22.75 -5.35
N GLY B 115 -5.46 -21.97 -4.89
CA GLY B 115 -5.61 -20.53 -4.77
C GLY B 115 -4.37 -19.85 -5.32
N TYR B 116 -4.57 -18.68 -5.93
CA TYR B 116 -3.50 -18.02 -6.67
C TYR B 116 -3.73 -16.51 -6.75
N VAL B 117 -2.81 -15.75 -6.17
CA VAL B 117 -2.86 -14.30 -6.26
C VAL B 117 -1.53 -13.78 -6.81
N TYR B 118 -1.60 -12.94 -7.84
CA TYR B 118 -0.39 -12.48 -8.52
C TYR B 118 -0.36 -10.96 -8.64
N ASN B 119 0.63 -10.33 -8.00
CA ASN B 119 0.75 -8.89 -8.08
C ASN B 119 1.24 -8.46 -9.45
N LEU B 120 0.37 -7.78 -10.19
CA LEU B 120 0.61 -7.48 -11.59
C LEU B 120 1.64 -6.38 -11.75
N ALA B 121 1.85 -5.61 -10.69
CA ALA B 121 2.84 -4.54 -10.70
C ALA B 121 4.25 -4.99 -10.34
N THR B 122 4.40 -5.98 -9.46
CA THR B 122 5.74 -6.41 -9.04
C THR B 122 6.15 -7.76 -9.58
N GLY B 123 5.19 -8.56 -10.05
CA GLY B 123 5.49 -9.93 -10.40
C GLY B 123 5.50 -10.89 -9.21
N ASP B 124 5.14 -10.42 -8.01
CA ASP B 124 5.11 -11.31 -6.84
C ASP B 124 4.05 -12.38 -7.01
N GLU B 125 4.44 -13.64 -6.83
CA GLU B 125 3.52 -14.75 -7.00
C GLU B 125 3.18 -15.50 -5.71
N TYR B 126 1.91 -15.44 -5.31
CA TYR B 126 1.42 -16.23 -4.18
C TYR B 126 0.50 -17.36 -4.67
N TYR B 127 0.72 -18.57 -4.17
CA TYR B 127 -0.26 -19.63 -4.36
C TYR B 127 -0.18 -20.66 -3.24
N ALA B 128 -1.17 -21.53 -3.17
CA ALA B 128 -1.19 -22.60 -2.19
C ALA B 128 -1.82 -23.81 -2.83
N ASP B 129 -1.30 -24.98 -2.50
CA ASP B 129 -1.89 -26.23 -2.95
C ASP B 129 -1.69 -27.26 -1.84
N SER B 130 -1.82 -28.54 -2.15
CA SER B 130 -1.67 -29.56 -1.12
C SER B 130 -0.27 -29.53 -0.47
N SER B 131 0.75 -29.05 -1.16
CA SER B 131 2.12 -29.01 -0.62
C SER B 131 2.41 -27.83 0.32
N GLY B 132 1.49 -26.87 0.40
CA GLY B 132 1.69 -25.70 1.24
C GLY B 132 1.43 -24.40 0.53
N ALA B 133 1.89 -23.29 1.11
CA ALA B 133 1.66 -21.98 0.54
C ALA B 133 2.99 -21.35 0.19
N TYR B 134 3.02 -20.60 -0.91
CA TYR B 134 4.26 -20.09 -1.47
C TYR B 134 4.20 -18.61 -1.80
N ARG B 135 5.36 -17.97 -1.74
CA ARG B 135 5.55 -16.64 -2.29
C ARG B 135 6.82 -16.72 -3.13
N ASN B 136 6.68 -16.44 -4.42
CA ASN B 136 7.78 -16.58 -5.35
C ASN B 136 8.56 -17.87 -5.16
N GLY B 137 7.84 -18.99 -5.11
CA GLY B 137 8.45 -20.30 -5.00
C GLY B 137 8.97 -20.71 -3.63
N GLU B 138 8.89 -19.81 -2.64
CA GLU B 138 9.37 -20.11 -1.29
CA GLU B 138 9.37 -20.11 -1.29
C GLU B 138 8.20 -20.32 -0.33
N ARG B 139 8.27 -21.39 0.46
CA ARG B 139 7.24 -21.69 1.45
C ARG B 139 7.06 -20.54 2.43
N ILE B 140 5.81 -20.22 2.74
CA ILE B 140 5.52 -19.13 3.68
C ILE B 140 4.64 -19.64 4.81
N GLU B 141 4.53 -18.85 5.87
CA GLU B 141 3.62 -19.19 6.96
C GLU B 141 3.29 -17.93 7.74
N VAL B 142 2.18 -17.99 8.46
CA VAL B 142 1.68 -16.81 9.16
C VAL B 142 2.59 -16.46 10.32
N SER B 143 2.38 -15.29 10.92
CA SER B 143 3.25 -14.86 12.01
C SER B 143 2.78 -15.49 13.31
N ASP B 144 3.65 -15.51 14.32
CA ASP B 144 3.29 -16.11 15.61
C ASP B 144 2.90 -15.07 16.67
N ALA B 145 2.55 -13.88 16.22
CA ALA B 145 2.15 -12.78 17.10
C ALA B 145 0.98 -13.18 18.00
N GLU B 146 1.08 -12.88 19.29
CA GLU B 146 0.01 -13.25 20.25
C GLU B 146 -0.70 -12.06 20.87
N GLU B 147 -0.10 -10.88 20.77
CA GLU B 147 -0.63 -9.72 21.47
C GLU B 147 -1.45 -8.84 20.54
N LEU B 148 -2.42 -8.13 21.08
CA LEU B 148 -3.23 -7.22 20.28
C LEU B 148 -2.40 -6.06 19.74
N TYR B 149 -1.29 -5.77 20.43
CA TYR B 149 -0.32 -4.84 19.90
C TYR B 149 0.43 -5.53 18.76
N CYS B 150 -0.21 -5.55 17.59
CA CYS B 150 0.32 -6.20 16.39
C CYS B 150 0.15 -5.30 15.14
N ASN B 151 0.61 -5.82 14.00
CA ASN B 151 0.49 -5.13 12.72
C ASN B 151 -0.75 -5.61 11.97
N ALA B 152 -1.67 -4.70 11.72
CA ALA B 152 -3.00 -5.09 11.27
C ALA B 152 -3.37 -4.45 9.94
N ILE B 153 -3.98 -5.24 9.07
CA ILE B 153 -4.65 -4.69 7.91
C ILE B 153 -6.12 -4.72 8.27
N ILE B 154 -6.75 -3.55 8.28
CA ILE B 154 -8.14 -3.48 8.69
C ILE B 154 -9.01 -2.54 7.85
N TYR B 155 -10.12 -3.08 7.35
CA TYR B 155 -11.16 -2.32 6.65
C TYR B 155 -12.42 -2.37 7.50
N TYR B 156 -12.79 -1.29 8.18
CA TYR B 156 -12.05 -0.04 8.27
C TYR B 156 -11.98 0.28 9.75
N PRO B 157 -10.90 0.95 10.19
CA PRO B 157 -10.88 1.33 11.61
C PRO B 157 -11.88 2.45 11.86
N ASP B 158 -12.71 2.34 12.89
CA ASP B 158 -13.72 3.37 13.18
C ASP B 158 -13.75 3.71 14.67
N ARG B 159 -12.69 3.32 15.37
CA ARG B 159 -12.57 3.56 16.80
CA ARG B 159 -12.56 3.56 16.80
C ARG B 159 -11.09 3.47 17.19
N LYS B 160 -10.78 3.77 18.44
CA LYS B 160 -9.43 3.60 18.97
CA LYS B 160 -9.43 3.60 18.95
C LYS B 160 -9.12 2.11 19.01
N PHE B 161 -7.93 1.72 18.54
CA PHE B 161 -7.53 0.31 18.51
C PHE B 161 -6.14 0.17 19.11
N PRO B 162 -5.79 -1.03 19.59
CA PRO B 162 -4.51 -1.20 20.29
C PRO B 162 -3.35 -1.64 19.39
N PHE B 163 -3.58 -1.66 18.07
CA PHE B 163 -2.60 -2.15 17.12
C PHE B 163 -1.32 -1.32 17.11
N GLU B 164 -0.22 -1.94 16.70
CA GLU B 164 1.04 -1.21 16.58
C GLU B 164 1.03 -0.47 15.26
N ARG B 165 0.50 -1.13 14.23
CA ARG B 165 0.31 -0.51 12.93
C ARG B 165 -1.03 -0.88 12.37
N MET B 166 -1.63 0.04 11.64
CA MET B 166 -2.79 -0.25 10.83
C MET B 166 -2.48 0.17 9.41
N ARG B 167 -2.76 -0.73 8.46
CA ARG B 167 -2.52 -0.46 7.05
C ARG B 167 -3.72 -0.88 6.22
N ILE B 168 -3.94 -0.18 5.12
CA ILE B 168 -5.02 -0.47 4.18
C ILE B 168 -4.49 -0.21 2.77
N PHE B 169 -4.19 -1.27 2.04
CA PHE B 169 -3.43 -1.15 0.80
C PHE B 169 -4.32 -1.12 -0.45
N GLY B 170 -5.58 -1.53 -0.32
CA GLY B 170 -6.50 -1.44 -1.44
C GLY B 170 -6.57 -2.62 -2.38
N SER B 171 -6.05 -3.77 -1.95
CA SER B 171 -6.22 -5.00 -2.73
C SER B 171 -6.37 -6.20 -1.78
N ALA B 172 -7.61 -6.54 -1.47
CA ALA B 172 -7.91 -7.57 -0.47
C ALA B 172 -7.23 -8.90 -0.75
N ALA B 173 -7.22 -9.33 -2.01
CA ALA B 173 -6.56 -10.57 -2.40
C ALA B 173 -5.09 -10.56 -2.04
N THR B 174 -4.42 -9.43 -2.30
CA THR B 174 -3.00 -9.33 -2.02
C THR B 174 -2.76 -9.19 -0.53
N GLU B 175 -3.67 -8.50 0.15
CA GLU B 175 -3.45 -8.19 1.55
C GLU B 175 -3.63 -9.41 2.42
N LEU B 176 -4.54 -10.30 2.02
CA LEU B 176 -4.67 -11.61 2.64
C LEU B 176 -3.36 -12.39 2.50
N CYS B 177 -2.67 -12.18 1.38
CA CYS B 177 -1.36 -12.80 1.17
C CYS B 177 -0.28 -12.16 2.04
N PHE B 178 -0.39 -10.86 2.28
CA PHE B 178 0.51 -10.19 3.21
C PHE B 178 0.31 -10.81 4.60
N PHE B 179 -0.92 -11.22 4.91
CA PHE B 179 -1.16 -11.92 6.14
C PHE B 179 -0.57 -13.34 6.07
N ALA B 180 -0.85 -14.02 4.97
CA ALA B 180 -0.40 -15.40 4.77
C ALA B 180 1.11 -15.55 4.92
N ASP B 181 1.89 -14.58 4.43
CA ASP B 181 3.34 -14.74 4.42
C ASP B 181 4.00 -14.19 5.69
N GLY B 182 3.18 -13.68 6.60
CA GLY B 182 3.65 -13.21 7.90
C GLY B 182 3.97 -11.73 7.97
N SER B 183 3.91 -11.03 6.84
CA SER B 183 4.18 -9.59 6.81
C SER B 183 3.28 -8.83 7.77
N PHE B 184 2.01 -9.22 7.82
CA PHE B 184 1.07 -8.64 8.77
C PHE B 184 0.48 -9.72 9.67
N ASP B 185 0.12 -9.35 10.90
CA ASP B 185 -0.28 -10.32 11.90
C ASP B 185 -1.74 -10.68 11.75
N CYS B 186 -2.52 -9.79 11.16
CA CYS B 186 -3.91 -10.10 10.89
C CYS B 186 -4.47 -9.33 9.69
N PHE B 187 -5.51 -9.89 9.08
CA PHE B 187 -6.29 -9.19 8.06
C PHE B 187 -7.72 -9.13 8.54
N LEU B 188 -8.28 -7.92 8.49
CA LEU B 188 -9.61 -7.69 9.01
C LEU B 188 -10.46 -6.91 8.01
N ASP B 189 -11.56 -7.52 7.59
CA ASP B 189 -12.58 -6.77 6.88
C ASP B 189 -13.88 -6.94 7.63
N ILE B 190 -14.22 -5.90 8.40
CA ILE B 190 -15.37 -5.93 9.29
C ILE B 190 -16.38 -4.87 8.91
N ARG B 191 -16.27 -4.35 7.70
CA ARG B 191 -17.22 -3.36 7.22
C ARG B 191 -18.64 -3.90 7.32
N PRO B 192 -19.49 -3.22 8.09
CA PRO B 192 -20.85 -3.67 8.38
C PRO B 192 -21.63 -3.99 7.12
N GLY B 193 -21.41 -3.26 6.04
CA GLY B 193 -22.07 -3.55 4.77
C GLY B 193 -21.77 -4.96 4.25
N LYS B 194 -20.71 -5.57 4.75
CA LYS B 194 -20.24 -6.87 4.28
C LYS B 194 -19.99 -6.79 2.76
N MET B 195 -18.88 -6.17 2.38
CA MET B 195 -18.62 -5.75 1.00
C MET B 195 -17.87 -6.76 0.11
N LEU B 196 -17.02 -7.59 0.73
CA LEU B 196 -16.18 -8.49 -0.05
C LEU B 196 -16.99 -9.54 -0.80
N ARG B 197 -16.72 -9.67 -2.09
CA ARG B 197 -17.32 -10.68 -2.94
CA ARG B 197 -17.37 -10.72 -2.87
C ARG B 197 -16.48 -11.95 -2.89
N ILE B 198 -17.03 -13.07 -3.36
CA ILE B 198 -16.30 -14.33 -3.26
C ILE B 198 -14.96 -14.29 -4.01
N TYR B 199 -14.91 -13.58 -5.14
CA TYR B 199 -13.70 -13.55 -5.96
C TYR B 199 -12.62 -12.65 -5.37
N ASP B 200 -13.01 -11.76 -4.46
CA ASP B 200 -12.05 -10.95 -3.73
C ASP B 200 -11.24 -11.78 -2.73
N ALA B 201 -11.91 -12.71 -2.05
CA ALA B 201 -11.30 -13.32 -0.87
C ALA B 201 -10.89 -14.78 -1.06
N ALA B 202 -11.59 -15.50 -1.94
CA ALA B 202 -11.45 -16.96 -1.97
C ALA B 202 -10.00 -17.44 -2.02
N ALA B 203 -9.25 -16.98 -3.02
CA ALA B 203 -7.84 -17.35 -3.17
C ALA B 203 -7.04 -16.95 -1.92
N GLY B 204 -7.31 -15.75 -1.42
CA GLY B 204 -6.58 -15.24 -0.28
C GLY B 204 -6.83 -16.09 0.96
N VAL B 205 -8.08 -16.48 1.17
CA VAL B 205 -8.43 -17.30 2.32
C VAL B 205 -7.75 -18.69 2.25
N PHE B 206 -7.78 -19.31 1.08
CA PHE B 206 -7.17 -20.61 0.89
C PHE B 206 -5.67 -20.56 1.13
N ILE B 207 -5.00 -19.60 0.49
CA ILE B 207 -3.58 -19.39 0.69
C ILE B 207 -3.26 -19.11 2.17
N ALA B 208 -4.05 -18.27 2.82
CA ALA B 208 -3.80 -17.91 4.22
C ALA B 208 -3.95 -19.11 5.15
N GLU B 209 -4.98 -19.92 4.93
CA GLU B 209 -5.19 -21.13 5.74
C GLU B 209 -4.07 -22.15 5.54
N LYS B 210 -3.70 -22.42 4.29
CA LYS B 210 -2.55 -23.29 4.01
C LYS B 210 -1.26 -22.78 4.66
N ALA B 211 -1.18 -21.47 4.89
CA ALA B 211 -0.01 -20.87 5.54
C ALA B 211 -0.14 -20.97 7.07
N GLY B 212 -1.22 -21.59 7.53
CA GLY B 212 -1.45 -21.80 8.95
C GLY B 212 -2.38 -20.84 9.67
N GLY B 213 -2.95 -19.87 8.95
CA GLY B 213 -3.78 -18.88 9.59
C GLY B 213 -5.16 -19.40 9.91
N LYS B 214 -5.82 -18.82 10.90
CA LYS B 214 -7.23 -19.11 11.13
C LYS B 214 -8.05 -18.02 10.47
N VAL B 215 -9.00 -18.41 9.63
CA VAL B 215 -9.75 -17.43 8.85
C VAL B 215 -11.24 -17.72 8.91
N THR B 216 -12.01 -16.76 9.42
CA THR B 216 -13.43 -16.96 9.67
C THR B 216 -14.26 -15.74 9.28
N GLU B 217 -15.58 -15.89 9.40
CA GLU B 217 -16.48 -14.76 9.32
C GLU B 217 -16.38 -13.91 10.57
N LEU B 218 -17.17 -12.83 10.60
CA LEU B 218 -17.22 -11.88 11.73
C LEU B 218 -17.32 -12.54 13.10
N ASP B 219 -18.16 -13.57 13.20
CA ASP B 219 -18.49 -14.20 14.47
C ASP B 219 -17.68 -15.47 14.75
N GLY B 220 -16.77 -15.83 13.85
CA GLY B 220 -15.97 -17.03 14.05
C GLY B 220 -16.51 -18.22 13.28
N GLU B 221 -17.64 -18.05 12.61
CA GLU B 221 -18.18 -19.14 11.80
CA GLU B 221 -18.21 -19.11 11.77
C GLU B 221 -17.25 -19.49 10.64
N SER B 222 -17.22 -20.78 10.29
CA SER B 222 -16.40 -21.24 9.19
C SER B 222 -16.85 -20.60 7.89
N LEU B 223 -15.90 -20.35 6.99
CA LEU B 223 -16.17 -19.77 5.71
C LEU B 223 -16.49 -20.87 4.70
N GLY B 224 -16.44 -22.11 5.18
CA GLY B 224 -16.57 -23.29 4.33
C GLY B 224 -17.75 -23.33 3.39
N ASN B 225 -18.87 -22.76 3.82
CA ASN B 225 -20.09 -22.79 3.02
C ASN B 225 -20.31 -21.56 2.15
N LYS B 226 -19.32 -20.69 2.05
CA LYS B 226 -19.46 -19.53 1.18
C LYS B 226 -19.58 -20.00 -0.28
N LYS B 227 -20.53 -19.43 -1.00
CA LYS B 227 -20.84 -19.91 -2.33
C LYS B 227 -20.04 -19.17 -3.38
N PHE B 228 -19.73 -19.89 -4.45
CA PHE B 228 -19.09 -19.29 -5.61
C PHE B 228 -20.18 -18.71 -6.51
N ASP B 229 -20.80 -17.62 -6.06
CA ASP B 229 -21.78 -16.93 -6.89
C ASP B 229 -21.69 -15.42 -6.69
N MET B 230 -22.44 -14.67 -7.49
CA MET B 230 -22.33 -13.21 -7.48
C MET B 230 -23.00 -12.58 -6.25
N GLN B 231 -23.89 -13.32 -5.61
CA GLN B 231 -24.63 -12.83 -4.46
C GLN B 231 -23.82 -12.91 -3.17
N GLU B 232 -22.87 -13.83 -3.11
CA GLU B 232 -22.13 -14.06 -1.87
C GLU B 232 -21.38 -12.82 -1.38
N ARG B 233 -21.36 -12.63 -0.06
CA ARG B 233 -20.60 -11.53 0.56
C ARG B 233 -19.89 -12.06 1.80
N LEU B 234 -18.82 -11.38 2.19
CA LEU B 234 -17.98 -11.85 3.28
C LEU B 234 -17.45 -10.74 4.16
N ASN B 235 -17.45 -10.97 5.48
CA ASN B 235 -16.54 -10.29 6.39
C ASN B 235 -15.46 -11.28 6.75
N ILE B 236 -14.28 -10.79 7.10
CA ILE B 236 -13.17 -11.68 7.41
CA ILE B 236 -13.16 -11.67 7.40
C ILE B 236 -12.38 -11.24 8.63
N VAL B 237 -12.09 -12.21 9.50
CA VAL B 237 -11.19 -12.04 10.61
C VAL B 237 -10.16 -13.14 10.46
N ALA B 238 -8.91 -12.76 10.20
CA ALA B 238 -7.88 -13.76 9.94
C ALA B 238 -6.63 -13.44 10.72
N ALA B 239 -6.07 -14.45 11.37
CA ALA B 239 -4.95 -14.28 12.29
C ALA B 239 -4.48 -15.67 12.65
N ASN B 240 -3.29 -15.78 13.26
CA ASN B 240 -2.89 -17.09 13.78
C ASN B 240 -3.87 -17.52 14.87
N GLU B 241 -3.88 -18.80 15.19
CA GLU B 241 -4.90 -19.36 16.08
CA GLU B 241 -4.88 -19.38 16.09
C GLU B 241 -4.86 -18.81 17.50
N LYS B 242 -3.68 -18.39 17.96
CA LYS B 242 -3.55 -17.74 19.27
C LYS B 242 -4.17 -16.34 19.28
N LEU B 243 -3.84 -15.53 18.29
CA LEU B 243 -4.31 -14.15 18.23
C LEU B 243 -5.78 -14.04 17.83
N HIS B 244 -6.23 -14.98 17.01
CA HIS B 244 -7.58 -14.89 16.42
C HIS B 244 -8.73 -14.67 17.43
N PRO B 245 -8.82 -15.51 18.48
CA PRO B 245 -9.93 -15.28 19.42
C PRO B 245 -9.86 -13.93 20.13
N LYS B 246 -8.66 -13.45 20.43
CA LYS B 246 -8.51 -12.12 21.03
C LYS B 246 -9.13 -11.05 20.13
N LEU B 247 -8.90 -11.16 18.81
CA LEU B 247 -9.44 -10.18 17.87
C LEU B 247 -10.97 -10.26 17.82
N LEU B 248 -11.50 -11.48 17.85
CA LEU B 248 -12.93 -11.69 17.87
C LEU B 248 -13.56 -10.98 19.05
N GLU B 249 -12.87 -11.02 20.19
CA GLU B 249 -13.30 -10.32 21.39
C GLU B 249 -13.23 -8.82 21.18
N LEU B 250 -12.10 -8.36 20.66
CA LEU B 250 -11.84 -6.94 20.49
C LEU B 250 -12.95 -6.20 19.71
N ILE B 251 -13.48 -6.85 18.69
CA ILE B 251 -14.48 -6.20 17.83
C ILE B 251 -15.92 -6.52 18.26
N LYS B 252 -16.06 -7.33 19.31
CA LYS B 252 -17.35 -7.84 19.78
C LYS B 252 -18.18 -6.75 20.44
N GLU C . 16.96 4.97 -10.82
CA GLU C . 17.71 6.18 -11.11
C GLU C . 19.19 6.01 -10.75
O GLU C . 19.79 4.96 -11.01
CB GLU C . 17.10 7.39 -10.40
CG GLU C . 17.31 8.72 -11.09
CD GLU C . 17.09 8.64 -12.59
OE1 GLU C . 18.04 8.28 -13.33
OE2 GLU C . 15.95 8.93 -13.03
OXT GLU C . 19.79 6.93 -10.18
N GLU D . 14.39 -0.72 -11.93
CA GLU D . 14.06 0.37 -11.01
C GLU D . 15.24 1.32 -10.84
O GLU D . 15.32 2.08 -9.92
CB GLU D . 13.62 -0.19 -9.66
CG GLU D . 13.43 -1.69 -9.63
CD GLU D . 12.32 -2.14 -10.57
OE1 GLU D . 11.34 -2.75 -10.07
OE2 GLU D . 12.43 -1.91 -11.78
OXT GLU D . 16.21 1.28 -11.61
C1 GOL E . 4.22 6.66 8.67
O1 GOL E . 4.40 7.43 9.84
C2 GOL E . 5.44 5.76 8.47
O2 GOL E . 5.92 5.33 9.72
C3 GOL E . 6.53 6.57 7.76
O3 GOL E . 5.95 7.23 6.65
MG MG F . 14.99 5.26 14.09
MG MG G . 13.32 6.27 8.04
S SO4 H . 7.70 2.03 9.94
O1 SO4 H . 8.44 1.00 10.68
O2 SO4 H . 6.28 1.98 10.31
O3 SO4 H . 7.88 1.82 8.51
O4 SO4 H . 8.27 3.33 10.31
S SO4 I . 10.68 5.57 9.03
O1 SO4 I . 10.21 5.83 10.40
O2 SO4 I . 11.96 4.82 9.09
O3 SO4 I . 10.84 6.85 8.31
O4 SO4 I . 9.67 4.75 8.32
S SO4 J . -11.24 -0.40 -5.94
O1 SO4 J . -9.87 -0.86 -6.15
O2 SO4 J . -12.15 -1.54 -5.85
O3 SO4 J . -11.64 0.41 -7.08
O4 SO4 J . -11.35 0.36 -4.67
C1 PGE K . 11.38 -6.03 -2.33
O1 PGE K . 10.44 -4.98 -2.68
C2 PGE K . 10.74 -7.37 -1.92
O2 PGE K . 10.91 -8.44 -2.84
C3 PGE K . 9.93 -8.51 -3.87
C4 PGE K . 10.55 -8.94 -5.19
O4 PGE K . 9.58 -11.47 -9.04
C6 PGE K . 9.19 -10.29 -8.35
C5 PGE K . 10.15 -10.03 -7.24
O3 PGE K . 9.59 -9.25 -6.21
N GLU L . 3.78 -17.10 -13.17
CA GLU L . 4.79 -16.08 -13.46
C GLU L . 4.37 -15.22 -14.65
O GLU L . 4.27 -15.70 -15.77
CB GLU L . 6.14 -16.74 -13.73
CG GLU L . 6.53 -17.80 -12.71
CD GLU L . 7.25 -18.97 -13.35
OE1 GLU L . 8.29 -19.39 -12.82
OE2 GLU L . 6.76 -19.49 -14.39
OXT GLU L . 3.99 -14.04 -14.52
N GLU M . 5.48 -6.50 -13.77
CA GLU M . 6.93 -6.55 -13.72
C GLU M . 7.43 -7.93 -13.26
O GLU M . 8.05 -8.06 -12.20
CB GLU M . 7.48 -5.45 -12.80
CG GLU M . 8.92 -5.10 -13.06
CD GLU M . 9.77 -5.13 -11.80
OE1 GLU M . 10.92 -5.61 -11.87
OE2 GLU M . 9.28 -4.66 -10.75
OXT GLU M . 7.28 -8.92 -13.97
C1 GOL N . -10.83 -5.29 -2.62
O1 GOL N . -9.50 -5.05 -3.03
C2 GOL N . -11.50 -3.93 -2.33
O2 GOL N . -11.00 -2.93 -3.19
C3 GOL N . -11.20 -3.54 -0.90
O3 GOL N . -12.43 -3.31 -0.25
MG MG O . -17.14 -4.11 -11.37
MG MG P . -11.82 -6.58 -9.70
S SO4 Q . -11.84 -4.53 -7.11
O1 SO4 Q . -12.17 -4.86 -5.72
O2 SO4 Q . -11.68 -5.82 -7.79
O3 SO4 Q . -12.92 -3.73 -7.70
O4 SO4 Q . -10.60 -3.71 -7.15
C1 GOL R . -12.53 -23.95 6.26
O1 GOL R . -11.14 -23.95 6.40
C2 GOL R . -12.99 -23.42 4.91
O2 GOL R . -12.73 -24.38 3.95
C3 GOL R . -12.28 -22.17 4.46
O3 GOL R . -12.23 -21.32 5.56
#